data_6BJA
#
_entry.id   6BJA
#
_cell.length_a   71.6615
_cell.length_b   111.78
_cell.length_c   112.756
_cell.angle_alpha   90.0
_cell.angle_beta   90.0
_cell.angle_gamma   90.0
#
_symmetry.space_group_name_H-M   'I 2 2 2'
#
loop_
_entity.id
_entity.type
_entity.pdbx_description
1 polymer 'Acetyl-CoA acetyltransferase A'
2 non-polymer 'ACETATE ION'
3 non-polymer 'COENZYME A'
4 water water
#
_entity_poly.entity_id   1
_entity_poly.type   'polypeptide(L)'
_entity_poly.pdbx_seq_one_letter_code
;GTGMDAGKKDVYILSAVRTPIASFRSTLTSLSAVDLGIVVTKEAIKRSLLPSSAIEETIVGNVLSAGLGQNIARQISIAS
EIPKSSQCVTINKV(CSO)SSSMKAIIMGAQAIQVGYRRIVVALGSESMSNAPFYVPRGEIPFGGVQLVDALQRDGLMDS
IEYQPMGLCAEKTVKDYAFTREQLDAYAIESYRKAEHAWKEGAFNKEVVPVSVPQKRGSKVVLTEDEEYKRLIPEKVPAL
HPAFLKDGSGTITAANASTINDGAAACVLASGEVVQEGRLKPIAKVLSYAEAGVEPIDFTVAPALAVKQLLSQSGLDEES
IALWEINEAFSVTGLAFIKELRLDPKRVNVRGGAVALGHPLGASGARIVVTLVHALKSDELGVAAICNGGGEASAILIKK
L
;
_entity_poly.pdbx_strand_id   A
#
loop_
_chem_comp.id
_chem_comp.type
_chem_comp.name
_chem_comp.formula
ACT non-polymer 'ACETATE ION' 'C2 H3 O2 -1'
COA non-polymer 'COENZYME A' 'C21 H36 N7 O16 P3 S'
#
# COMPACT_ATOMS: atom_id res chain seq x y z
N LYS A 9 4.50 -7.02 -25.62
CA LYS A 9 3.46 -6.75 -24.63
C LYS A 9 3.90 -7.22 -23.23
N ASP A 10 5.20 -7.37 -23.06
CA ASP A 10 5.78 -7.46 -21.73
C ASP A 10 5.52 -6.15 -21.01
N VAL A 11 5.55 -6.19 -19.69
CA VAL A 11 5.23 -5.03 -18.86
C VAL A 11 6.45 -4.57 -18.06
N TYR A 12 6.89 -3.35 -18.32
CA TYR A 12 8.03 -2.78 -17.59
C TYR A 12 7.61 -1.64 -16.69
N ILE A 13 8.34 -1.51 -15.58
CA ILE A 13 8.22 -0.36 -14.69
C ILE A 13 9.29 0.64 -15.09
N LEU A 14 8.89 1.83 -15.50
CA LEU A 14 9.85 2.88 -15.88
C LEU A 14 10.25 3.74 -14.70
N SER A 15 9.34 3.89 -13.74
CA SER A 15 9.55 4.74 -12.59
C SER A 15 8.65 4.29 -11.46
N ALA A 16 9.07 4.63 -10.25
CA ALA A 16 8.40 4.18 -9.02
C ALA A 16 8.79 5.14 -7.89
N VAL A 17 7.84 5.98 -7.49
CA VAL A 17 8.11 7.03 -6.52
C VAL A 17 7.00 7.12 -5.48
N ARG A 18 7.32 7.71 -4.33
CA ARG A 18 6.30 7.91 -3.30
C ARG A 18 6.55 9.19 -2.52
N THR A 19 5.50 9.75 -1.94
CA THR A 19 5.66 10.78 -0.94
C THR A 19 6.20 10.16 0.33
N PRO A 20 6.81 10.99 1.20
CA PRO A 20 6.91 10.56 2.59
C PRO A 20 5.49 10.32 3.10
N ILE A 21 5.39 9.48 4.11
CA ILE A 21 4.09 9.16 4.70
C ILE A 21 3.94 9.98 5.98
N ALA A 22 2.87 10.78 6.06
CA ALA A 22 2.67 11.66 7.21
C ALA A 22 1.66 11.05 8.19
N SER A 23 1.80 11.45 9.45
CA SER A 23 0.87 11.04 10.48
C SER A 23 -0.51 11.68 10.33
N PHE A 24 -1.48 11.10 11.00
CA PHE A 24 -2.83 11.62 11.00
C PHE A 24 -2.94 13.04 11.55
N ARG A 25 -3.59 13.93 10.79
CA ARG A 25 -3.78 15.32 11.18
C ARG A 25 -2.44 15.99 11.46
N SER A 26 -1.47 15.72 10.59
CA SER A 26 -0.13 16.26 10.72
C SER A 26 0.24 17.13 9.53
N THR A 27 1.49 17.02 9.09
CA THR A 27 2.06 17.93 8.14
C THR A 27 1.35 18.04 6.80
N LEU A 28 0.71 16.95 6.37
CA LEU A 28 0.03 16.94 5.08
C LEU A 28 -1.48 17.22 5.19
N THR A 29 -1.97 17.62 6.34
CA THR A 29 -3.41 17.84 6.50
C THR A 29 -3.99 18.79 5.45
N SER A 30 -3.23 19.83 5.08
CA SER A 30 -3.76 20.81 4.16
C SER A 30 -3.77 20.34 2.71
N LEU A 31 -3.22 19.17 2.46
CA LEU A 31 -3.20 18.59 1.12
C LEU A 31 -4.18 17.45 0.98
N SER A 32 -4.94 17.48 -0.10
CA SER A 32 -5.94 16.46 -0.38
C SER A 32 -5.30 15.25 -1.02
N ALA A 33 -6.05 14.15 -1.08
CA ALA A 33 -5.60 13.00 -1.83
C ALA A 33 -5.31 13.35 -3.31
N VAL A 34 -6.08 14.28 -3.87
CA VAL A 34 -5.83 14.74 -5.23
C VAL A 34 -4.48 15.44 -5.29
N ASP A 35 -4.23 16.35 -4.35
CA ASP A 35 -2.93 17.04 -4.32
C ASP A 35 -1.77 16.05 -4.24
N LEU A 36 -1.88 15.05 -3.36
CA LEU A 36 -0.77 14.12 -3.21
C LEU A 36 -0.61 13.24 -4.45
N GLY A 37 -1.73 12.91 -5.07
CA GLY A 37 -1.72 12.10 -6.28
C GLY A 37 -1.04 12.85 -7.42
N ILE A 38 -1.27 14.16 -7.48
CA ILE A 38 -0.60 14.97 -8.50
C ILE A 38 0.91 14.99 -8.26
N VAL A 39 1.34 15.10 -7.00
CA VAL A 39 2.77 15.12 -6.71
C VAL A 39 3.42 13.88 -7.27
N VAL A 40 2.88 12.68 -6.95
CA VAL A 40 3.58 11.48 -7.36
C VAL A 40 3.39 11.17 -8.85
N THR A 41 2.26 11.59 -9.43
CA THR A 41 2.06 11.37 -10.84
C THR A 41 3.03 12.20 -11.66
N LYS A 42 3.14 13.49 -11.32
CA LYS A 42 4.08 14.35 -12.02
C LYS A 42 5.49 13.82 -11.86
N GLU A 43 5.89 13.37 -10.67
CA GLU A 43 7.29 12.98 -10.52
C GLU A 43 7.54 11.63 -11.19
N ALA A 44 6.56 10.73 -11.16
CA ALA A 44 6.71 9.46 -11.84
C ALA A 44 6.88 9.65 -13.36
N ILE A 45 6.13 10.59 -13.93
CA ILE A 45 6.24 10.92 -15.35
C ILE A 45 7.64 11.48 -15.62
N LYS A 46 8.09 12.42 -14.80
CA LYS A 46 9.44 12.98 -14.95
C LYS A 46 10.51 11.89 -14.98
N ARG A 47 10.42 10.95 -14.04
CA ARG A 47 11.49 9.96 -13.94
C ARG A 47 11.33 8.82 -14.96
N SER A 48 10.16 8.72 -15.60
CA SER A 48 9.96 7.75 -16.66
C SER A 48 10.68 8.14 -17.96
N LEU A 49 11.00 9.43 -18.05
CA LEU A 49 11.63 10.05 -19.22
C LEU A 49 10.72 10.14 -20.43
N LEU A 50 9.44 9.84 -20.25
CA LEU A 50 8.43 10.07 -21.26
C LEU A 50 7.67 11.36 -20.97
N PRO A 51 7.19 12.04 -22.02
CA PRO A 51 6.37 13.23 -21.77
C PRO A 51 5.00 12.86 -21.22
N SER A 52 4.39 13.77 -20.49
CA SER A 52 3.05 13.51 -19.97
C SER A 52 2.06 13.21 -21.10
N SER A 53 2.31 13.73 -22.30
CA SER A 53 1.45 13.49 -23.45
C SER A 53 1.40 12.04 -23.86
N ALA A 54 2.36 11.23 -23.41
CA ALA A 54 2.43 9.82 -23.78
C ALA A 54 1.63 8.90 -22.86
N ILE A 55 1.17 9.43 -21.73
CA ILE A 55 0.45 8.62 -20.75
C ILE A 55 -0.99 8.39 -21.24
N GLU A 56 -1.38 7.13 -21.41
CA GLU A 56 -2.65 6.79 -22.06
C GLU A 56 -3.82 6.57 -21.09
N GLU A 57 -3.48 6.18 -19.87
CA GLU A 57 -4.44 5.94 -18.79
C GLU A 57 -3.86 6.31 -17.45
N THR A 58 -4.74 6.76 -16.55
CA THR A 58 -4.39 7.05 -15.15
C THR A 58 -5.30 6.23 -14.26
N ILE A 59 -4.72 5.33 -13.48
CA ILE A 59 -5.50 4.39 -12.67
C ILE A 59 -5.13 4.62 -11.22
N VAL A 60 -6.09 4.99 -10.39
CA VAL A 60 -5.81 5.43 -9.03
C VAL A 60 -6.56 4.66 -7.98
N GLY A 61 -5.83 4.05 -7.05
CA GLY A 61 -6.44 3.47 -5.87
C GLY A 61 -6.72 4.48 -4.78
N ASN A 62 -7.92 4.41 -4.23
CA ASN A 62 -8.36 5.31 -3.17
C ASN A 62 -9.55 4.68 -2.47
N VAL A 63 -9.54 4.68 -1.15
CA VAL A 63 -10.60 4.08 -0.36
C VAL A 63 -11.62 5.11 0.14
N LEU A 64 -11.14 6.17 0.80
CA LEU A 64 -12.02 7.12 1.45
C LEU A 64 -12.24 8.30 0.50
N SER A 65 -13.14 8.07 -0.44
CA SER A 65 -13.33 9.01 -1.54
C SER A 65 -14.32 10.11 -1.20
N ALA A 66 -14.94 10.06 -0.01
CA ALA A 66 -15.97 11.05 0.32
C ALA A 66 -15.46 12.48 0.39
N GLY A 67 -16.13 13.35 -0.35
CA GLY A 67 -15.86 14.78 -0.30
C GLY A 67 -14.79 15.22 -1.28
N LEU A 68 -14.21 14.28 -2.02
CA LEU A 68 -13.06 14.60 -2.86
C LEU A 68 -13.42 15.03 -4.27
N GLY A 69 -14.70 14.90 -4.62
CA GLY A 69 -15.14 15.30 -5.94
C GLY A 69 -15.34 14.14 -6.88
N GLN A 70 -15.72 14.42 -8.12
CA GLN A 70 -15.84 13.38 -9.12
C GLN A 70 -14.50 12.71 -9.42
N ASN A 71 -14.51 11.38 -9.47
CA ASN A 71 -13.42 10.56 -10.01
C ASN A 71 -12.03 11.16 -9.87
N ILE A 72 -11.42 11.01 -8.70
CA ILE A 72 -10.19 11.75 -8.44
C ILE A 72 -9.09 11.41 -9.44
N ALA A 73 -9.13 10.22 -10.03
CA ALA A 73 -8.15 9.86 -11.07
C ALA A 73 -8.17 10.89 -12.21
N ARG A 74 -9.34 11.38 -12.59
CA ARG A 74 -9.42 12.36 -13.66
C ARG A 74 -8.88 13.73 -13.22
N GLN A 75 -9.17 14.13 -11.99
CA GLN A 75 -8.65 15.37 -11.44
C GLN A 75 -7.13 15.32 -11.42
N ILE A 76 -6.58 14.20 -10.97
CA ILE A 76 -5.13 14.05 -10.88
C ILE A 76 -4.50 14.07 -12.27
N SER A 77 -5.11 13.35 -13.19
CA SER A 77 -4.59 13.22 -14.54
C SER A 77 -4.53 14.60 -15.22
N ILE A 78 -5.64 15.32 -15.17
CA ILE A 78 -5.69 16.63 -15.83
C ILE A 78 -4.68 17.60 -15.21
N ALA A 79 -4.60 17.62 -13.87
CA ALA A 79 -3.69 18.53 -13.18
C ALA A 79 -2.22 18.15 -13.35
N SER A 80 -1.99 16.92 -13.79
CA SER A 80 -0.64 16.42 -14.09
C SER A 80 -0.26 16.59 -15.58
N GLU A 81 -1.07 17.36 -16.32
CA GLU A 81 -0.85 17.63 -17.74
C GLU A 81 -0.89 16.40 -18.65
N ILE A 82 -1.61 15.37 -18.21
CA ILE A 82 -1.88 14.22 -19.05
C ILE A 82 -3.03 14.62 -19.99
N PRO A 83 -3.00 14.16 -21.26
CA PRO A 83 -4.00 14.63 -22.24
C PRO A 83 -5.42 14.36 -21.81
N LYS A 84 -6.32 15.25 -22.21
CA LYS A 84 -7.74 15.05 -21.96
C LYS A 84 -8.25 13.77 -22.59
N SER A 85 -7.58 13.29 -23.64
CA SER A 85 -7.97 12.06 -24.31
C SER A 85 -7.65 10.79 -23.52
N SER A 86 -6.84 10.91 -22.47
CA SER A 86 -6.44 9.75 -21.70
C SER A 86 -7.54 9.34 -20.73
N GLN A 87 -7.65 8.04 -20.48
CA GLN A 87 -8.69 7.48 -19.65
C GLN A 87 -8.31 7.39 -18.17
N CYS A 88 -9.25 7.74 -17.31
CA CYS A 88 -9.02 7.86 -15.87
C CYS A 88 -10.06 7.13 -15.05
N VAL A 89 -9.62 6.29 -14.10
CA VAL A 89 -10.56 5.55 -13.28
C VAL A 89 -10.03 5.44 -11.85
N THR A 90 -10.93 5.50 -10.88
CA THR A 90 -10.59 5.38 -9.46
C THR A 90 -11.12 4.05 -8.98
N ILE A 91 -10.29 3.31 -8.28
CA ILE A 91 -10.76 2.00 -7.86
C ILE A 91 -10.54 1.75 -6.37
N ASN A 92 -11.43 0.93 -5.82
CA ASN A 92 -11.47 0.65 -4.38
C ASN A 92 -11.44 -0.85 -4.18
N LYS A 93 -10.33 -1.34 -3.67
CA LYS A 93 -10.23 -2.69 -3.15
C LYS A 93 -9.63 -2.60 -1.74
N VAL A 94 -10.15 -1.65 -0.97
CA VAL A 94 -9.67 -1.32 0.38
C VAL A 94 -8.15 -1.26 0.36
N CSO A 95 -7.45 -1.95 1.27
CA CSO A 95 -5.97 -1.83 1.31
CB CSO A 95 -5.35 -2.67 2.42
SG CSO A 95 -6.02 -2.11 3.94
C CSO A 95 -5.23 -2.25 0.08
O CSO A 95 -4.08 -1.89 -0.09
OD CSO A 95 -7.42 -3.00 4.04
H CSO A 95 -7.78 -2.48 1.86
HA CSO A 95 -5.74 -0.89 1.48
HB2 CSO A 95 -4.39 -2.55 2.44
HB3 CSO A 95 -5.58 -3.61 2.30
HD CSO A 95 -7.90 -2.78 4.85
N SER A 96 -5.86 -3.08 -0.75
CA SER A 96 -5.25 -3.58 -1.97
C SER A 96 -5.43 -2.62 -3.16
N SER A 97 -6.13 -1.50 -2.95
CA SER A 97 -6.57 -0.66 -4.07
C SER A 97 -5.49 -0.33 -5.09
N SER A 98 -4.32 0.12 -4.65
CA SER A 98 -3.35 0.54 -5.66
C SER A 98 -2.44 -0.58 -6.11
N MET A 99 -2.47 -1.73 -5.43
CA MET A 99 -1.89 -2.90 -6.06
C MET A 99 -2.79 -3.35 -7.22
N LYS A 100 -4.10 -3.32 -7.01
CA LYS A 100 -5.05 -3.60 -8.08
C LYS A 100 -4.86 -2.63 -9.24
N ALA A 101 -4.61 -1.37 -8.92
CA ALA A 101 -4.37 -0.38 -9.96
C ALA A 101 -3.19 -0.78 -10.83
N ILE A 102 -2.10 -1.22 -10.20
CA ILE A 102 -0.93 -1.65 -10.95
C ILE A 102 -1.25 -2.89 -11.80
N ILE A 103 -1.99 -3.84 -11.23
CA ILE A 103 -2.38 -5.04 -11.96
C ILE A 103 -3.27 -4.67 -13.17
N MET A 104 -4.19 -3.72 -13.01
CA MET A 104 -5.02 -3.27 -14.12
C MET A 104 -4.18 -2.64 -15.22
N GLY A 105 -3.16 -1.89 -14.83
CA GLY A 105 -2.29 -1.27 -15.80
C GLY A 105 -1.52 -2.33 -16.56
N ALA A 106 -1.02 -3.32 -15.83
CA ALA A 106 -0.28 -4.41 -16.47
C ALA A 106 -1.21 -5.15 -17.44
N GLN A 107 -2.43 -5.42 -17.02
CA GLN A 107 -3.37 -6.12 -17.89
C GLN A 107 -3.66 -5.33 -19.16
N ALA A 108 -3.89 -4.03 -19.04
CA ALA A 108 -4.15 -3.19 -20.20
C ALA A 108 -3.04 -3.31 -21.23
N ILE A 109 -1.80 -3.40 -20.75
CA ILE A 109 -0.65 -3.57 -21.63
C ILE A 109 -0.57 -4.99 -22.17
N GLN A 110 -0.79 -5.98 -21.30
CA GLN A 110 -0.71 -7.37 -21.69
C GLN A 110 -1.64 -7.68 -22.86
N VAL A 111 -2.82 -7.07 -22.82
CA VAL A 111 -3.87 -7.39 -23.78
C VAL A 111 -3.71 -6.57 -25.06
N GLY A 112 -2.76 -5.64 -25.06
CA GLY A 112 -2.42 -4.84 -26.23
C GLY A 112 -3.26 -3.58 -26.41
N TYR A 113 -4.12 -3.29 -25.45
CA TYR A 113 -4.98 -2.11 -25.50
C TYR A 113 -4.20 -0.84 -25.28
N ARG A 114 -3.29 -0.88 -24.31
CA ARG A 114 -2.44 0.26 -23.96
C ARG A 114 -0.96 -0.06 -24.10
N ARG A 115 -0.18 1.01 -24.26
CA ARG A 115 1.27 0.93 -24.31
C ARG A 115 1.92 1.53 -23.07
N ILE A 116 1.30 2.58 -22.54
CA ILE A 116 1.90 3.38 -21.45
C ILE A 116 0.80 3.82 -20.50
N VAL A 117 0.93 3.49 -19.22
CA VAL A 117 -0.05 3.97 -18.25
C VAL A 117 0.63 4.40 -16.96
N VAL A 118 -0.07 5.19 -16.17
CA VAL A 118 0.38 5.47 -14.81
C VAL A 118 -0.61 4.86 -13.83
N ALA A 119 -0.07 4.08 -12.88
CA ALA A 119 -0.86 3.42 -11.86
C ALA A 119 -0.38 3.94 -10.51
N LEU A 120 -1.30 4.36 -9.66
CA LEU A 120 -0.94 4.94 -8.39
C LEU A 120 -2.00 4.73 -7.32
N GLY A 121 -1.66 5.17 -6.12
CA GLY A 121 -2.60 5.21 -5.02
C GLY A 121 -2.35 6.47 -4.23
N SER A 122 -3.42 6.99 -3.64
CA SER A 122 -3.36 8.19 -2.82
C SER A 122 -4.43 8.13 -1.76
N GLU A 123 -4.06 8.51 -0.54
CA GLU A 123 -5.02 8.51 0.54
C GLU A 123 -4.70 9.63 1.50
N SER A 124 -5.72 10.44 1.80
CA SER A 124 -5.61 11.45 2.84
C SER A 124 -6.60 11.09 3.93
N MET A 125 -6.14 10.29 4.89
CA MET A 125 -7.04 9.88 5.94
C MET A 125 -7.33 11.06 6.87
N SER A 126 -6.43 12.04 6.90
CA SER A 126 -6.66 13.26 7.64
C SER A 126 -7.92 14.01 7.23
N ASN A 127 -8.31 13.85 5.97
CA ASN A 127 -9.44 14.61 5.45
C ASN A 127 -10.70 13.78 5.24
N ALA A 128 -10.72 12.54 5.72
CA ALA A 128 -11.93 11.74 5.70
C ALA A 128 -12.98 12.38 6.61
N PRO A 129 -14.21 12.58 6.12
CA PRO A 129 -15.19 13.32 6.90
C PRO A 129 -16.05 12.46 7.80
N PHE A 130 -17.03 13.11 8.43
CA PHE A 130 -18.09 12.42 9.12
C PHE A 130 -19.35 12.54 8.28
N TYR A 131 -20.26 11.59 8.47
CA TYR A 131 -21.50 11.52 7.69
C TYR A 131 -22.73 11.82 8.53
N VAL A 132 -23.56 12.71 8.01
CA VAL A 132 -24.94 12.91 8.45
C VAL A 132 -25.86 12.20 7.45
N PRO A 133 -26.76 11.34 7.94
CA PRO A 133 -27.59 10.61 6.97
C PRO A 133 -28.59 11.51 6.25
N ARG A 134 -28.97 11.10 5.03
CA ARG A 134 -29.98 11.78 4.25
C ARG A 134 -31.32 11.56 4.91
N GLY A 135 -32.24 12.48 4.73
CA GLY A 135 -33.57 12.30 5.27
C GLY A 135 -33.63 12.82 6.68
N GLU A 136 -34.81 13.16 7.16
CA GLU A 136 -34.88 13.95 8.37
C GLU A 136 -34.43 13.13 9.56
N ILE A 137 -33.76 13.84 10.44
CA ILE A 137 -33.20 13.27 11.63
C ILE A 137 -34.31 13.00 12.62
N PRO A 138 -34.39 11.76 13.13
CA PRO A 138 -35.47 11.40 14.03
C PRO A 138 -35.33 12.05 15.39
N PHE A 139 -36.43 12.10 16.12
CA PHE A 139 -36.40 12.45 17.53
C PHE A 139 -35.32 11.68 18.26
N GLY A 140 -34.49 12.39 19.01
CA GLY A 140 -33.40 11.80 19.75
C GLY A 140 -32.07 11.91 19.04
N GLY A 141 -32.09 12.38 17.81
CA GLY A 141 -30.85 12.55 17.07
C GLY A 141 -30.37 11.29 16.40
N VAL A 142 -29.11 11.34 15.97
CA VAL A 142 -28.50 10.28 15.19
C VAL A 142 -26.99 10.34 15.41
N GLN A 143 -26.31 9.22 15.21
CA GLN A 143 -24.87 9.18 15.30
C GLN A 143 -24.25 9.77 14.05
N LEU A 144 -23.25 10.64 14.23
CA LEU A 144 -22.39 11.08 13.14
C LEU A 144 -21.40 9.96 12.88
N VAL A 145 -21.40 9.43 11.68
CA VAL A 145 -20.62 8.25 11.33
C VAL A 145 -19.25 8.71 10.86
N ASP A 146 -18.20 8.04 11.36
CA ASP A 146 -16.82 8.34 10.97
C ASP A 146 -16.45 7.56 9.72
N ALA A 147 -16.14 8.26 8.63
CA ALA A 147 -15.75 7.62 7.39
C ALA A 147 -14.61 6.64 7.60
N LEU A 148 -13.66 6.99 8.47
CA LEU A 148 -12.51 6.12 8.70
C LEU A 148 -12.92 4.76 9.22
N GLN A 149 -13.89 4.77 10.12
CA GLN A 149 -14.42 3.55 10.69
C GLN A 149 -15.29 2.81 9.69
N ARG A 150 -16.34 3.46 9.24
CA ARG A 150 -17.34 2.79 8.44
C ARG A 150 -16.82 2.33 7.08
N ASP A 151 -16.05 3.17 6.39
CA ASP A 151 -15.62 2.87 5.03
C ASP A 151 -14.16 2.40 4.95
N GLY A 152 -13.41 2.50 6.05
CA GLY A 152 -12.00 2.17 6.04
C GLY A 152 -11.58 0.98 6.90
N LEU A 153 -11.88 1.03 8.20
CA LEU A 153 -11.23 0.14 9.17
C LEU A 153 -12.09 -0.98 9.70
N MET A 154 -13.40 -0.88 9.52
CA MET A 154 -14.36 -1.91 9.94
C MET A 154 -14.61 -2.89 8.81
N ASP A 155 -14.55 -4.18 9.11
CA ASP A 155 -14.99 -5.14 8.13
C ASP A 155 -16.49 -5.06 8.02
N SER A 156 -17.01 -4.98 6.80
CA SER A 156 -18.43 -4.73 6.60
C SER A 156 -19.27 -5.97 6.53
N ILE A 157 -18.62 -7.13 6.56
CA ILE A 157 -19.34 -8.39 6.51
C ILE A 157 -19.46 -8.94 7.92
N GLU A 158 -18.35 -8.87 8.68
CA GLU A 158 -18.33 -9.28 10.08
C GLU A 158 -18.79 -8.18 11.04
N TYR A 159 -18.84 -6.95 10.53
CA TYR A 159 -19.21 -5.78 11.30
C TYR A 159 -18.40 -5.68 12.58
N GLN A 160 -17.09 -5.77 12.40
CA GLN A 160 -16.15 -5.55 13.48
C GLN A 160 -14.85 -5.04 12.91
N PRO A 161 -14.01 -4.46 13.76
CA PRO A 161 -12.76 -3.90 13.26
C PRO A 161 -11.84 -4.95 12.66
N MET A 162 -11.09 -4.59 11.64
CA MET A 162 -10.13 -5.53 11.07
C MET A 162 -9.16 -6.04 12.15
N GLY A 163 -8.82 -5.20 13.12
CA GLY A 163 -7.92 -5.64 14.19
C GLY A 163 -8.52 -6.73 15.08
N LEU A 164 -9.83 -6.75 15.25
CA LEU A 164 -10.47 -7.84 15.98
C LEU A 164 -10.42 -9.10 15.16
N CYS A 165 -10.69 -8.99 13.86
CA CYS A 165 -10.56 -10.12 12.95
C CYS A 165 -9.15 -10.71 13.01
N ALA A 166 -8.15 -9.86 13.02
CA ALA A 166 -6.78 -10.34 12.97
C ALA A 166 -6.40 -11.16 14.22
N GLU A 167 -7.09 -10.90 15.33
CA GLU A 167 -6.87 -11.69 16.54
C GLU A 167 -7.16 -13.17 16.29
N LYS A 168 -8.07 -13.48 15.37
CA LYS A 168 -8.31 -14.88 15.05
C LYS A 168 -7.04 -15.54 14.49
N THR A 169 -6.33 -14.81 13.65
CA THR A 169 -5.13 -15.32 12.99
C THR A 169 -4.03 -15.46 14.05
N VAL A 170 -3.98 -14.50 14.97
CA VAL A 170 -3.05 -14.59 16.10
C VAL A 170 -3.26 -15.93 16.81
N LYS A 171 -4.50 -16.24 17.14
CA LYS A 171 -4.78 -17.48 17.86
C LYS A 171 -4.46 -18.72 17.00
N ASP A 172 -4.79 -18.68 15.72
CA ASP A 172 -4.60 -19.81 14.82
C ASP A 172 -3.12 -20.22 14.69
N TYR A 173 -2.22 -19.25 14.84
CA TYR A 173 -0.78 -19.51 14.74
C TYR A 173 -0.11 -19.60 16.11
N ALA A 174 -0.90 -19.43 17.18
CA ALA A 174 -0.41 -19.42 18.55
C ALA A 174 0.63 -18.33 18.75
N PHE A 175 0.46 -17.22 18.05
CA PHE A 175 1.33 -16.07 18.27
C PHE A 175 1.03 -15.41 19.61
N THR A 176 2.02 -14.70 20.11
CA THR A 176 1.98 -14.06 21.42
C THR A 176 2.17 -12.57 21.34
N ARG A 177 1.67 -11.88 22.36
CA ARG A 177 1.93 -10.46 22.56
C ARG A 177 3.40 -10.16 22.42
N GLU A 178 4.22 -11.01 23.04
CA GLU A 178 5.65 -10.86 22.98
C GLU A 178 6.20 -10.85 21.56
N GLN A 179 5.74 -11.78 20.72
CA GLN A 179 6.15 -11.80 19.31
C GLN A 179 5.62 -10.62 18.53
N LEU A 180 4.36 -10.25 18.76
CA LEU A 180 3.77 -9.11 18.02
C LEU A 180 4.53 -7.83 18.36
N ASP A 181 4.83 -7.63 19.63
CA ASP A 181 5.52 -6.41 20.07
C ASP A 181 6.97 -6.40 19.56
N ALA A 182 7.66 -7.54 19.64
CA ALA A 182 9.03 -7.60 19.15
C ALA A 182 9.06 -7.32 17.64
N TYR A 183 8.08 -7.84 16.91
CA TYR A 183 7.98 -7.60 15.48
C TYR A 183 7.81 -6.12 15.20
N ALA A 184 6.93 -5.47 15.95
CA ALA A 184 6.65 -4.07 15.76
C ALA A 184 7.89 -3.25 16.02
N ILE A 185 8.54 -3.50 17.14
CA ILE A 185 9.70 -2.71 17.50
C ILE A 185 10.79 -2.89 16.44
N GLU A 186 10.91 -4.07 15.86
CA GLU A 186 11.88 -4.32 14.80
C GLU A 186 11.52 -3.61 13.48
N SER A 187 10.23 -3.49 13.18
CA SER A 187 9.82 -2.72 12.01
C SER A 187 10.29 -1.27 12.17
N TYR A 188 10.12 -0.72 13.37
CA TYR A 188 10.57 0.63 13.67
C TYR A 188 12.08 0.70 13.56
N ARG A 189 12.80 -0.32 14.05
CA ARG A 189 14.25 -0.29 13.98
C ARG A 189 14.75 -0.24 12.55
N LYS A 190 14.15 -1.06 11.70
CA LYS A 190 14.54 -1.14 10.30
C LYS A 190 14.22 0.15 9.59
N ALA A 191 13.10 0.78 9.93
CA ALA A 191 12.71 2.04 9.30
C ALA A 191 13.68 3.13 9.70
N GLU A 192 14.00 3.16 10.98
CA GLU A 192 14.94 4.16 11.49
C GLU A 192 16.31 4.00 10.84
N HIS A 193 16.77 2.76 10.73
CA HIS A 193 18.04 2.46 10.12
C HIS A 193 18.06 2.88 8.64
N ALA A 194 16.97 2.58 7.94
CA ALA A 194 16.86 2.93 6.54
C ALA A 194 16.96 4.44 6.37
N TRP A 195 16.24 5.20 7.19
CA TRP A 195 16.28 6.64 7.05
C TRP A 195 17.67 7.18 7.43
N LYS A 196 18.29 6.60 8.45
CA LYS A 196 19.64 7.05 8.84
C LYS A 196 20.63 6.86 7.69
N GLU A 197 20.51 5.75 6.98
CA GLU A 197 21.47 5.41 5.92
C GLU A 197 21.09 5.96 4.55
N GLY A 198 19.95 6.66 4.45
CA GLY A 198 19.53 7.19 3.18
C GLY A 198 18.92 6.19 2.21
N ALA A 199 18.43 5.07 2.74
CA ALA A 199 17.98 3.99 1.88
C ALA A 199 16.72 4.30 1.09
N PHE A 200 15.99 5.32 1.50
CA PHE A 200 14.76 5.70 0.81
C PHE A 200 15.02 6.85 -0.16
N ASN A 201 16.28 7.21 -0.38
CA ASN A 201 16.56 8.40 -1.19
C ASN A 201 16.32 8.23 -2.67
N LYS A 202 16.20 7.00 -3.17
CA LYS A 202 15.87 6.82 -4.60
C LYS A 202 14.39 6.96 -4.88
N GLU A 203 13.56 6.74 -3.87
CA GLU A 203 12.12 6.62 -4.09
C GLU A 203 11.27 7.76 -3.56
N VAL A 204 11.73 8.46 -2.54
CA VAL A 204 10.92 9.50 -1.90
C VAL A 204 11.04 10.82 -2.61
N VAL A 205 9.91 11.45 -2.86
CA VAL A 205 9.88 12.77 -3.46
C VAL A 205 9.34 13.74 -2.41
N PRO A 206 10.03 14.87 -2.20
CA PRO A 206 9.59 15.75 -1.13
C PRO A 206 8.31 16.46 -1.48
N VAL A 207 7.50 16.77 -0.46
CA VAL A 207 6.21 17.42 -0.64
C VAL A 207 6.23 18.79 -0.03
N SER A 208 6.10 19.78 -0.89
CA SER A 208 5.98 21.16 -0.47
C SER A 208 4.62 21.38 0.19
N VAL A 209 4.59 22.05 1.33
CA VAL A 209 3.33 22.36 2.00
C VAL A 209 3.07 23.86 2.03
N VAL A 217 8.10 23.70 5.87
CA VAL A 217 7.57 24.13 4.59
C VAL A 217 7.62 22.98 3.56
N VAL A 218 8.26 21.89 3.95
CA VAL A 218 8.43 20.76 3.06
C VAL A 218 8.55 19.51 3.92
N LEU A 219 7.88 18.45 3.50
CA LEU A 219 7.98 17.15 4.15
C LEU A 219 8.94 16.29 3.34
N THR A 220 10.01 15.82 3.98
CA THR A 220 11.05 15.07 3.29
C THR A 220 11.29 13.66 3.85
N GLU A 221 10.68 13.34 4.99
CA GLU A 221 10.90 12.07 5.69
C GLU A 221 9.58 11.53 6.25
N ASP A 222 9.41 10.22 6.24
CA ASP A 222 8.30 9.58 6.90
C ASP A 222 8.20 10.04 8.35
N GLU A 223 6.99 10.20 8.85
CA GLU A 223 6.78 10.70 10.21
C GLU A 223 6.58 9.63 11.27
N GLU A 224 5.89 8.54 10.94
CA GLU A 224 5.43 7.62 11.98
C GLU A 224 6.57 6.95 12.72
N TYR A 225 7.66 6.63 12.04
CA TYR A 225 8.67 5.77 12.67
C TYR A 225 9.34 6.48 13.83
N LYS A 226 9.25 7.81 13.85
CA LYS A 226 9.86 8.60 14.93
C LYS A 226 9.03 8.63 16.21
N ARG A 227 7.82 8.08 16.16
CA ARG A 227 6.85 8.24 17.24
C ARG A 227 6.86 7.09 18.24
N LEU A 228 7.66 6.06 17.98
CA LEU A 228 7.75 4.93 18.91
C LEU A 228 8.18 5.40 20.29
N ILE A 229 7.45 4.97 21.32
CA ILE A 229 7.88 5.12 22.72
C ILE A 229 8.10 3.71 23.25
N PRO A 230 9.34 3.20 23.16
CA PRO A 230 9.58 1.78 23.44
C PRO A 230 9.02 1.30 24.79
N GLU A 231 9.27 2.04 25.86
CA GLU A 231 8.94 1.54 27.18
C GLU A 231 7.42 1.43 27.37
N LYS A 232 6.66 2.06 26.48
CA LYS A 232 5.20 2.10 26.57
C LYS A 232 4.55 0.88 25.91
N VAL A 233 5.30 0.22 25.04
CA VAL A 233 4.76 -0.85 24.21
C VAL A 233 4.20 -2.02 25.04
N PRO A 234 4.95 -2.52 26.04
CA PRO A 234 4.36 -3.60 26.83
C PRO A 234 3.29 -3.14 27.81
N ALA A 235 3.15 -1.84 27.98
CA ALA A 235 2.19 -1.30 28.95
C ALA A 235 0.82 -1.13 28.33
N LEU A 236 0.76 -1.08 27.00
CA LEU A 236 -0.50 -0.85 26.32
C LEU A 236 -1.48 -1.99 26.53
N HIS A 237 -2.77 -1.64 26.56
CA HIS A 237 -3.84 -2.61 26.64
C HIS A 237 -4.30 -2.99 25.24
N PRO A 238 -4.71 -4.25 25.04
CA PRO A 238 -5.24 -4.65 23.73
C PRO A 238 -6.36 -3.72 23.28
N ALA A 239 -6.33 -3.34 22.01
CA ALA A 239 -7.23 -2.31 21.48
C ALA A 239 -8.52 -2.85 20.91
N PHE A 240 -8.53 -4.13 20.56
CA PHE A 240 -9.66 -4.72 19.82
C PHE A 240 -10.37 -5.83 20.56
N LEU A 241 -9.62 -6.57 21.39
CA LEU A 241 -10.17 -7.72 22.09
C LEU A 241 -9.83 -7.56 23.56
N LYS A 242 -10.85 -7.45 24.41
CA LYS A 242 -10.62 -7.02 25.78
C LYS A 242 -11.08 -8.06 26.80
N ASP A 243 -11.19 -9.31 26.36
CA ASP A 243 -11.65 -10.39 27.22
C ASP A 243 -10.49 -11.06 27.95
N GLY A 244 -9.30 -10.47 27.84
CA GLY A 244 -8.11 -10.98 28.50
C GLY A 244 -7.18 -11.75 27.59
N SER A 245 -7.65 -12.12 26.40
CA SER A 245 -6.86 -12.92 25.46
C SER A 245 -6.32 -12.09 24.32
N GLY A 246 -6.55 -10.79 24.38
CA GLY A 246 -6.13 -9.89 23.32
C GLY A 246 -4.63 -9.71 23.24
N THR A 247 -4.15 -9.35 22.05
CA THR A 247 -2.71 -9.19 21.80
C THR A 247 -2.38 -7.97 20.95
N ILE A 248 -3.34 -7.53 20.14
CA ILE A 248 -3.08 -6.43 19.23
C ILE A 248 -3.35 -5.09 19.92
N THR A 249 -2.38 -4.19 19.80
CA THR A 249 -2.41 -2.88 20.45
C THR A 249 -2.16 -1.78 19.45
N ALA A 250 -2.27 -0.53 19.90
CA ALA A 250 -1.96 0.60 19.02
C ALA A 250 -0.53 0.53 18.52
N ALA A 251 0.38 -0.05 19.31
CA ALA A 251 1.78 -0.07 18.94
C ALA A 251 2.11 -1.17 17.94
N ASN A 252 1.40 -2.31 17.97
CA ASN A 252 1.77 -3.39 17.06
C ASN A 252 0.76 -3.49 15.91
N ALA A 253 -0.10 -2.48 15.80
CA ALA A 253 -0.98 -2.33 14.62
C ALA A 253 -0.51 -1.15 13.83
N SER A 254 -0.78 -1.15 12.53
CA SER A 254 -0.49 0.04 11.75
C SER A 254 -1.40 1.18 12.17
N THR A 255 -0.98 2.37 11.76
CA THR A 255 -1.62 3.63 12.11
C THR A 255 -2.42 4.15 10.92
N ILE A 256 -3.11 5.26 11.11
CA ILE A 256 -3.77 5.95 9.99
C ILE A 256 -2.88 7.12 9.53
N ASN A 257 -2.83 7.30 8.21
CA ASN A 257 -1.79 8.11 7.60
C ASN A 257 -2.20 8.72 6.27
N ASP A 258 -1.40 9.71 5.83
CA ASP A 258 -1.55 10.37 4.54
C ASP A 258 -0.34 10.06 3.64
N GLY A 259 -0.57 9.78 2.37
CA GLY A 259 0.52 9.53 1.44
C GLY A 259 0.05 9.06 0.08
N ALA A 260 1.00 9.03 -0.87
CA ALA A 260 0.72 8.56 -2.23
C ALA A 260 1.96 7.89 -2.84
N ALA A 261 1.72 7.07 -3.84
CA ALA A 261 2.79 6.34 -4.51
C ALA A 261 2.36 6.04 -5.93
N ALA A 262 3.31 6.06 -6.88
CA ALA A 262 2.99 5.92 -8.30
C ALA A 262 4.07 5.22 -9.08
N CYS A 263 3.65 4.48 -10.09
CA CYS A 263 4.56 3.88 -11.07
C CYS A 263 4.09 4.16 -12.47
N VAL A 264 5.02 4.44 -13.38
CA VAL A 264 4.69 4.45 -14.81
C VAL A 264 5.03 3.08 -15.37
N LEU A 265 4.08 2.49 -16.10
CA LEU A 265 4.27 1.19 -16.73
C LEU A 265 4.31 1.38 -18.24
N ALA A 266 5.15 0.61 -18.91
CA ALA A 266 5.21 0.66 -20.37
C ALA A 266 5.46 -0.71 -20.99
N SER A 267 4.98 -0.90 -22.22
CA SER A 267 5.16 -2.16 -22.92
C SER A 267 6.59 -2.34 -23.40
N GLY A 268 6.97 -3.58 -23.68
CA GLY A 268 8.26 -3.87 -24.28
C GLY A 268 8.47 -3.11 -25.58
N GLU A 269 7.41 -2.93 -26.36
CA GLU A 269 7.52 -2.21 -27.63
C GLU A 269 7.94 -0.76 -27.40
N VAL A 270 7.32 -0.10 -26.43
CA VAL A 270 7.70 1.26 -26.07
C VAL A 270 9.16 1.35 -25.64
N VAL A 271 9.57 0.41 -24.80
CA VAL A 271 10.93 0.39 -24.32
C VAL A 271 11.91 0.28 -25.48
N GLN A 272 11.63 -0.65 -26.40
CA GLN A 272 12.51 -0.87 -27.54
C GLN A 272 12.58 0.36 -28.42
N GLU A 273 11.41 0.88 -28.80
CA GLU A 273 11.34 2.02 -29.70
C GLU A 273 11.97 3.28 -29.10
N GLY A 274 11.90 3.41 -27.78
CA GLY A 274 12.38 4.61 -27.10
C GLY A 274 13.81 4.51 -26.60
N ARG A 275 14.44 3.35 -26.78
CA ARG A 275 15.75 3.09 -26.20
C ARG A 275 15.75 3.35 -24.70
N LEU A 276 14.68 2.95 -24.03
CA LEU A 276 14.54 3.18 -22.60
C LEU A 276 15.29 2.18 -21.75
N LYS A 277 15.54 2.59 -20.51
CA LYS A 277 16.17 1.77 -19.48
C LYS A 277 15.22 1.55 -18.33
N PRO A 278 14.24 0.68 -18.52
CA PRO A 278 13.30 0.43 -17.42
C PRO A 278 14.01 -0.07 -16.16
N ILE A 279 13.44 0.21 -14.99
CA ILE A 279 14.08 -0.21 -13.75
C ILE A 279 13.65 -1.60 -13.29
N ALA A 280 12.47 -2.06 -13.73
CA ALA A 280 12.03 -3.39 -13.36
C ALA A 280 11.04 -3.92 -14.39
N LYS A 281 10.77 -5.21 -14.31
CA LYS A 281 9.84 -5.89 -15.18
C LYS A 281 8.77 -6.57 -14.32
N VAL A 282 7.51 -6.45 -14.69
CA VAL A 282 6.46 -7.17 -13.98
C VAL A 282 6.31 -8.55 -14.62
N LEU A 283 6.61 -9.60 -13.86
CA LEU A 283 6.63 -10.95 -14.41
C LEU A 283 5.27 -11.64 -14.32
N SER A 284 4.58 -11.40 -13.21
CA SER A 284 3.34 -12.11 -12.93
C SER A 284 2.61 -11.46 -11.78
N TYR A 285 1.33 -11.79 -11.63
CA TYR A 285 0.57 -11.37 -10.46
C TYR A 285 -0.44 -12.46 -10.12
N ALA A 286 -0.94 -12.42 -8.89
CA ALA A 286 -1.92 -13.38 -8.43
C ALA A 286 -2.83 -12.70 -7.41
N GLU A 287 -4.04 -13.26 -7.28
CA GLU A 287 -5.01 -12.74 -6.35
C GLU A 287 -5.66 -13.91 -5.65
N ALA A 288 -5.92 -13.76 -4.36
CA ALA A 288 -6.53 -14.81 -3.56
C ALA A 288 -7.65 -14.25 -2.71
N GLY A 289 -8.55 -15.13 -2.30
CA GLY A 289 -9.60 -14.72 -1.39
C GLY A 289 -9.98 -15.80 -0.40
N VAL A 290 -10.28 -15.37 0.82
CA VAL A 290 -10.69 -16.25 1.90
C VAL A 290 -11.86 -15.61 2.68
N GLU A 291 -12.29 -16.25 3.75
CA GLU A 291 -13.28 -15.65 4.64
C GLU A 291 -12.82 -14.27 5.12
N PRO A 292 -13.75 -13.31 5.19
CA PRO A 292 -13.36 -11.98 5.67
C PRO A 292 -12.56 -11.99 6.98
N ILE A 293 -12.97 -12.79 7.95
CA ILE A 293 -12.29 -12.78 9.24
C ILE A 293 -10.84 -13.23 9.10
N ASP A 294 -10.57 -14.04 8.09
CA ASP A 294 -9.24 -14.64 7.88
C ASP A 294 -8.36 -13.85 6.90
N PHE A 295 -8.72 -12.60 6.65
CA PHE A 295 -8.01 -11.80 5.63
C PHE A 295 -6.49 -11.79 5.81
N THR A 296 -6.04 -11.90 7.05
CA THR A 296 -4.61 -11.84 7.34
C THR A 296 -3.83 -12.97 6.68
N VAL A 297 -4.44 -14.14 6.41
CA VAL A 297 -3.70 -15.24 5.78
C VAL A 297 -3.85 -15.33 4.26
N ALA A 298 -4.63 -14.42 3.66
CA ALA A 298 -4.75 -14.41 2.21
C ALA A 298 -3.43 -14.12 1.45
N PRO A 299 -2.54 -13.30 2.01
CA PRO A 299 -1.34 -13.03 1.20
C PRO A 299 -0.50 -14.26 0.88
N ALA A 300 -0.31 -15.17 1.84
CA ALA A 300 0.50 -16.33 1.57
C ALA A 300 -0.20 -17.21 0.52
N LEU A 301 -1.53 -17.20 0.52
CA LEU A 301 -2.28 -17.96 -0.48
C LEU A 301 -2.05 -17.38 -1.87
N ALA A 302 -2.05 -16.06 -1.98
CA ALA A 302 -1.80 -15.44 -3.26
C ALA A 302 -0.38 -15.74 -3.74
N VAL A 303 0.57 -15.72 -2.82
CA VAL A 303 1.97 -15.98 -3.17
C VAL A 303 2.16 -17.44 -3.62
N LYS A 304 1.50 -18.38 -2.96
CA LYS A 304 1.62 -19.78 -3.37
C LYS A 304 1.19 -19.94 -4.83
N GLN A 305 0.11 -19.26 -5.21
CA GLN A 305 -0.39 -19.26 -6.58
C GLN A 305 0.60 -18.58 -7.51
N LEU A 306 1.10 -17.43 -7.08
CA LEU A 306 2.06 -16.67 -7.86
C LEU A 306 3.31 -17.49 -8.20
N LEU A 307 3.86 -18.17 -7.21
CA LEU A 307 5.08 -18.93 -7.37
C LEU A 307 4.83 -20.18 -8.21
N SER A 308 3.72 -20.85 -7.95
CA SER A 308 3.33 -22.05 -8.71
C SER A 308 3.25 -21.76 -10.21
N GLN A 309 2.50 -20.73 -10.58
CA GLN A 309 2.29 -20.41 -11.98
C GLN A 309 3.55 -19.89 -12.66
N SER A 310 4.52 -19.47 -11.85
CA SER A 310 5.75 -18.89 -12.35
C SER A 310 6.91 -19.90 -12.37
N GLY A 311 6.66 -21.09 -11.86
CA GLY A 311 7.66 -22.14 -11.80
C GLY A 311 8.80 -21.80 -10.85
N LEU A 312 8.49 -21.02 -9.82
CA LEU A 312 9.47 -20.61 -8.83
C LEU A 312 9.15 -21.19 -7.47
N ASP A 313 10.11 -21.16 -6.56
CA ASP A 313 9.81 -21.44 -5.18
C ASP A 313 10.30 -20.27 -4.34
N GLU A 314 9.98 -20.33 -3.05
CA GLU A 314 10.28 -19.23 -2.14
C GLU A 314 11.74 -18.82 -2.16
N GLU A 315 12.63 -19.80 -2.30
CA GLU A 315 14.07 -19.54 -2.26
C GLU A 315 14.58 -18.73 -3.45
N SER A 316 13.81 -18.73 -4.55
CA SER A 316 14.11 -17.95 -5.76
C SER A 316 14.06 -16.45 -5.52
N ILE A 317 13.40 -16.05 -4.42
CA ILE A 317 13.00 -14.66 -4.22
C ILE A 317 13.98 -13.98 -3.28
N ALA A 318 14.58 -12.89 -3.74
CA ALA A 318 15.58 -12.19 -2.95
C ALA A 318 14.98 -11.38 -1.80
N LEU A 319 13.89 -10.66 -2.10
CA LEU A 319 13.25 -9.77 -1.13
C LEU A 319 11.75 -9.86 -1.21
N TRP A 320 11.13 -9.64 -0.06
CA TRP A 320 9.69 -9.66 0.09
C TRP A 320 9.22 -8.36 0.70
N GLU A 321 8.08 -7.87 0.22
CA GLU A 321 7.32 -6.85 0.91
C GLU A 321 5.96 -7.44 1.25
N ILE A 322 5.65 -7.51 2.53
CA ILE A 322 4.31 -7.90 2.99
C ILE A 322 3.75 -6.72 3.75
N ASN A 323 2.64 -6.16 3.27
CA ASN A 323 2.17 -4.95 3.92
C ASN A 323 1.74 -5.27 5.35
N GLU A 324 2.23 -4.46 6.27
CA GLU A 324 2.03 -4.72 7.70
C GLU A 324 0.78 -4.05 8.23
N ALA A 325 -0.39 -4.56 7.84
CA ALA A 325 -1.62 -4.04 8.39
C ALA A 325 -1.52 -4.13 9.91
N PHE A 326 -0.98 -5.26 10.38
CA PHE A 326 -0.72 -5.53 11.78
C PHE A 326 0.59 -6.29 11.84
N SER A 327 1.22 -6.34 13.02
CA SER A 327 2.42 -7.16 13.16
C SER A 327 2.12 -8.62 12.79
N VAL A 328 0.94 -9.10 13.16
CA VAL A 328 0.60 -10.48 12.86
C VAL A 328 0.58 -10.74 11.35
N THR A 329 0.30 -9.72 10.53
CA THR A 329 0.31 -9.90 9.09
C THR A 329 1.68 -10.37 8.61
N GLY A 330 2.72 -9.71 9.11
CA GLY A 330 4.08 -10.08 8.77
C GLY A 330 4.48 -11.44 9.31
N LEU A 331 4.21 -11.66 10.59
CA LEU A 331 4.55 -12.92 11.23
C LEU A 331 3.87 -14.12 10.57
N ALA A 332 2.60 -13.98 10.25
CA ALA A 332 1.86 -15.09 9.65
C ALA A 332 2.43 -15.42 8.28
N PHE A 333 2.75 -14.38 7.51
CA PHE A 333 3.27 -14.55 6.17
C PHE A 333 4.60 -15.30 6.20
N ILE A 334 5.51 -14.82 7.05
CA ILE A 334 6.84 -15.39 7.21
C ILE A 334 6.75 -16.85 7.66
N LYS A 335 5.87 -17.11 8.62
CA LYS A 335 5.73 -18.46 9.14
C LYS A 335 5.14 -19.42 8.11
N GLU A 336 4.08 -18.98 7.45
CA GLU A 336 3.40 -19.84 6.50
C GLU A 336 4.29 -20.22 5.31
N LEU A 337 5.06 -19.25 4.81
CA LEU A 337 5.92 -19.48 3.65
C LEU A 337 7.33 -19.92 4.02
N ARG A 338 7.60 -20.02 5.33
CA ARG A 338 8.90 -20.44 5.88
C ARG A 338 10.03 -19.58 5.32
N LEU A 339 9.82 -18.27 5.36
CA LEU A 339 10.83 -17.32 4.91
C LEU A 339 11.91 -16.95 5.93
N ASP A 340 13.04 -16.54 5.42
CA ASP A 340 14.06 -15.89 6.23
C ASP A 340 13.58 -14.48 6.56
N PRO A 341 13.30 -14.21 7.85
CA PRO A 341 12.78 -12.89 8.21
C PRO A 341 13.70 -11.74 7.77
N LYS A 342 14.97 -12.03 7.58
CA LYS A 342 15.89 -10.97 7.24
C LYS A 342 15.72 -10.53 5.78
N ARG A 343 14.90 -11.25 5.00
CA ARG A 343 14.62 -10.88 3.60
C ARG A 343 13.26 -10.26 3.42
N VAL A 344 12.62 -9.92 4.54
CA VAL A 344 11.24 -9.44 4.52
C VAL A 344 11.15 -8.02 5.09
N ASN A 345 10.56 -7.12 4.32
CA ASN A 345 10.40 -5.72 4.71
C ASN A 345 11.70 -5.14 5.25
N VAL A 346 12.74 -5.17 4.42
CA VAL A 346 14.06 -4.90 4.95
C VAL A 346 14.29 -3.45 5.35
N ARG A 347 13.43 -2.53 4.88
CA ARG A 347 13.51 -1.15 5.25
C ARG A 347 12.37 -0.74 6.18
N GLY A 348 11.74 -1.73 6.79
CA GLY A 348 10.62 -1.49 7.68
C GLY A 348 9.32 -1.62 6.92
N GLY A 349 8.23 -1.75 7.64
CA GLY A 349 6.92 -1.87 7.03
C GLY A 349 5.92 -0.94 7.67
N ALA A 350 4.66 -1.08 7.26
CA ALA A 350 3.64 -0.12 7.64
C ALA A 350 3.41 0.07 9.14
N VAL A 351 3.79 -0.88 9.98
CA VAL A 351 3.63 -0.66 11.41
C VAL A 351 4.50 0.52 11.86
N ALA A 352 5.64 0.71 11.20
CA ALA A 352 6.54 1.80 11.48
C ALA A 352 6.39 2.95 10.49
N LEU A 353 6.03 2.64 9.25
CA LEU A 353 6.05 3.68 8.19
C LEU A 353 4.67 4.32 7.99
N GLY A 354 3.62 3.66 8.42
CA GLY A 354 2.27 4.19 8.25
C GLY A 354 1.54 3.50 7.11
N HIS A 355 0.22 3.63 7.09
CA HIS A 355 -0.61 2.85 6.18
C HIS A 355 -1.73 3.71 5.59
N PRO A 356 -1.38 4.59 4.63
CA PRO A 356 -2.43 5.32 3.90
C PRO A 356 -3.13 4.33 2.98
N LEU A 357 -4.35 3.92 3.34
CA LEU A 357 -4.95 2.72 2.77
C LEU A 357 -4.81 2.60 1.26
N GLY A 358 -5.34 3.57 0.51
CA GLY A 358 -5.34 3.49 -0.94
C GLY A 358 -3.97 3.52 -1.57
N ALA A 359 -2.99 4.04 -0.84
CA ALA A 359 -1.64 4.18 -1.37
C ALA A 359 -0.74 2.98 -1.10
N SER A 360 -1.07 2.17 -0.09
CA SER A 360 -0.08 1.20 0.37
C SER A 360 0.30 0.11 -0.63
N GLY A 361 -0.65 -0.31 -1.46
CA GLY A 361 -0.33 -1.28 -2.50
C GLY A 361 0.79 -0.84 -3.41
N ALA A 362 0.66 0.37 -3.97
CA ALA A 362 1.73 0.90 -4.80
C ALA A 362 2.97 1.24 -3.97
N ARG A 363 2.76 1.68 -2.73
CA ARG A 363 3.87 2.10 -1.89
C ARG A 363 4.80 0.91 -1.65
N ILE A 364 4.26 -0.28 -1.37
CA ILE A 364 5.17 -1.41 -1.14
C ILE A 364 5.84 -1.90 -2.42
N VAL A 365 5.21 -1.72 -3.57
CA VAL A 365 5.87 -2.02 -4.83
C VAL A 365 7.04 -1.05 -5.06
N VAL A 366 6.82 0.24 -4.80
CA VAL A 366 7.88 1.23 -4.90
C VAL A 366 9.06 0.85 -3.99
N THR A 367 8.80 0.56 -2.72
CA THR A 367 9.86 0.19 -1.79
C THR A 367 10.58 -1.08 -2.23
N LEU A 368 9.83 -2.07 -2.70
CA LEU A 368 10.44 -3.30 -3.19
C LEU A 368 11.37 -3.03 -4.37
N VAL A 369 10.88 -2.29 -5.35
CA VAL A 369 11.64 -2.04 -6.57
C VAL A 369 13.00 -1.44 -6.19
N HIS A 370 12.99 -0.49 -5.27
CA HIS A 370 14.23 0.25 -5.00
C HIS A 370 15.15 -0.43 -3.98
N ALA A 371 14.65 -1.47 -3.31
CA ALA A 371 15.49 -2.29 -2.42
C ALA A 371 16.17 -3.44 -3.17
N LEU A 372 15.49 -3.96 -4.19
CA LEU A 372 16.06 -5.00 -5.04
C LEU A 372 17.32 -4.53 -5.74
N LYS A 373 18.30 -5.42 -5.87
CA LYS A 373 19.45 -5.20 -6.72
C LYS A 373 19.21 -5.80 -8.10
N SER A 374 19.98 -5.38 -9.10
CA SER A 374 19.79 -5.85 -10.47
C SER A 374 19.79 -7.37 -10.56
N ASP A 375 18.82 -7.89 -11.32
CA ASP A 375 18.63 -9.32 -11.61
C ASP A 375 17.95 -10.07 -10.47
N GLU A 376 17.71 -9.39 -9.35
CA GLU A 376 16.99 -10.02 -8.25
C GLU A 376 15.49 -10.04 -8.50
N LEU A 377 14.85 -11.09 -7.98
CA LEU A 377 13.41 -11.25 -7.99
C LEU A 377 12.83 -10.81 -6.66
N GLY A 378 11.70 -10.08 -6.74
CA GLY A 378 11.03 -9.66 -5.52
C GLY A 378 9.53 -9.95 -5.62
N VAL A 379 8.91 -10.13 -4.47
CA VAL A 379 7.46 -10.27 -4.38
C VAL A 379 6.89 -9.26 -3.40
N ALA A 380 5.85 -8.54 -3.83
CA ALA A 380 5.10 -7.66 -2.96
C ALA A 380 3.70 -8.23 -2.82
N ALA A 381 3.23 -8.32 -1.58
CA ALA A 381 1.91 -8.88 -1.28
C ALA A 381 1.18 -8.05 -0.24
N ILE A 382 -0.14 -7.96 -0.41
CA ILE A 382 -0.96 -7.12 0.47
C ILE A 382 -2.36 -7.73 0.63
N CYS A 383 -2.83 -7.76 1.89
CA CYS A 383 -4.18 -8.20 2.20
C CYS A 383 -5.12 -7.02 2.26
N ASN A 384 -6.42 -7.29 2.20
CA ASN A 384 -7.39 -6.23 2.41
C ASN A 384 -8.60 -6.70 3.14
N GLY A 385 -9.20 -5.77 3.87
CA GLY A 385 -10.47 -6.00 4.52
C GLY A 385 -11.44 -6.61 3.54
N GLY A 386 -12.16 -7.63 4.01
CA GLY A 386 -13.06 -8.41 3.17
C GLY A 386 -12.53 -9.78 2.81
N GLY A 387 -11.26 -10.02 3.07
CA GLY A 387 -10.70 -11.34 2.90
C GLY A 387 -9.88 -11.60 1.65
N GLU A 388 -9.37 -10.57 0.99
CA GLU A 388 -8.64 -10.80 -0.25
C GLU A 388 -7.18 -10.41 -0.06
N ALA A 389 -6.37 -10.86 -1.01
CA ALA A 389 -5.00 -10.39 -1.13
C ALA A 389 -4.53 -10.42 -2.56
N SER A 390 -3.56 -9.54 -2.85
CA SER A 390 -2.94 -9.41 -4.15
C SER A 390 -1.44 -9.55 -3.99
N ALA A 391 -0.79 -10.17 -4.98
CA ALA A 391 0.67 -10.29 -4.96
C ALA A 391 1.21 -10.08 -6.37
N ILE A 392 2.42 -9.53 -6.46
CA ILE A 392 3.06 -9.25 -7.73
C ILE A 392 4.51 -9.72 -7.65
N LEU A 393 4.96 -10.31 -8.75
CA LEU A 393 6.34 -10.75 -8.91
C LEU A 393 7.07 -9.81 -9.85
N ILE A 394 8.20 -9.27 -9.39
CA ILE A 394 8.99 -8.37 -10.21
C ILE A 394 10.46 -8.75 -10.27
N LYS A 395 11.07 -8.39 -11.40
CA LYS A 395 12.50 -8.58 -11.62
C LYS A 395 13.13 -7.22 -11.76
N LYS A 396 14.15 -6.95 -10.96
CA LYS A 396 14.89 -5.71 -11.05
C LYS A 396 15.87 -5.81 -12.21
N LEU A 397 15.95 -4.75 -13.02
CA LEU A 397 16.82 -4.75 -14.18
C LEU A 397 18.12 -4.04 -13.87
C ACT B . -1.83 -5.16 28.96
O ACT B . -3.01 -4.78 29.17
OXT ACT B . -1.69 -6.15 28.21
CH3 ACT B . -0.66 -4.47 29.60
H1 ACT B . 0.26 -4.96 29.31
H2 ACT B . -0.76 -4.51 30.69
H3 ACT B . -0.63 -3.42 29.29
N1A COA C . 4.81 3.08 20.77
C2A COA C . 4.41 3.31 22.04
N3A COA C . 3.18 3.71 22.39
C4A COA C . 2.23 3.90 21.44
C5A COA C . 2.56 3.67 20.04
C6A COA C . 3.95 3.23 19.75
N6A COA C . 4.36 2.98 18.48
N7A COA C . 1.44 3.94 19.33
C8A COA C . 0.48 4.31 20.22
N9A COA C . 0.95 4.28 21.48
C1B COA C . 0.25 4.63 22.75
C2B COA C . -0.01 6.12 22.78
O2B COA C . 0.97 6.81 23.56
C3B COA C . -1.39 6.28 23.40
O3B COA C . -1.23 6.90 24.68
P3B COA C . -1.59 6.29 26.11
O7A COA C . -0.99 4.91 26.22
O8A COA C . -0.99 7.18 27.18
O9A COA C . -3.09 6.21 26.28
C4B COA C . -2.01 4.89 23.34
O4B COA C . -1.01 3.96 22.88
C5B COA C . -3.14 4.86 22.32
O5B COA C . -2.52 5.11 21.07
P1A COA C . -2.94 6.32 20.08
O1A COA C . -3.00 7.66 20.79
O2A COA C . -1.99 6.40 18.91
O3A COA C . -4.41 6.01 19.55
P2A COA C . -5.31 7.20 18.97
O4A COA C . -5.66 8.17 20.08
O5A COA C . -4.61 7.91 17.84
O6A COA C . -6.61 6.45 18.43
CBP COA C . -7.11 5.60 16.29
CCP COA C . -6.42 5.31 17.61
CDP COA C . -8.58 5.83 16.59
CEP COA C . -6.60 6.88 15.65
CAP COA C . -7.04 4.34 15.40
OAP COA C . -7.91 4.55 14.28
C9P COA C . -5.65 4.01 14.92
O9P COA C . -4.73 4.81 14.99
N8P COA C . -5.40 2.79 14.40
C7P COA C . -6.38 1.72 14.27
C6P COA C . -5.66 0.42 13.99
C5P COA C . -5.98 0.00 12.58
O5P COA C . -6.88 -0.81 12.35
N4P COA C . -5.25 0.57 11.62
C3P COA C . -5.54 0.31 10.23
C2P COA C . -4.68 -0.76 9.60
S1P COA C . -5.71 -1.87 8.62
H2A COA C . 5.14 3.17 22.83
H61A COA C . 5.30 2.69 18.30
H62A COA C . 3.70 3.10 17.71
H8A COA C . -0.53 4.58 19.94
H1B COA C . 0.89 4.36 23.61
H2B COA C . -0.03 6.51 21.75
HO2A COA C . 1.83 6.71 23.15
H3B COA C . -1.98 6.94 22.75
H4B COA C . -2.40 4.60 24.33
H51A COA C . -3.87 5.65 22.55
H52A COA C . -3.64 3.90 22.33
H121 COA C . -5.36 5.14 17.45
H122 COA C . -6.85 4.43 18.09
H131 COA C . -8.67 6.65 17.25
H132 COA C . -9.10 6.03 15.69
H133 COA C . -8.98 4.96 17.05
H141 COA C . -5.56 6.79 15.47
H142 COA C . -6.78 7.70 16.29
H143 COA C . -7.10 7.04 14.73
H10 COA C . -7.42 3.49 15.99
HO1 COA C . -7.89 3.78 13.70
HN8 COA C . -4.47 2.59 14.09
H71 COA C . -7.06 1.95 13.44
H72 COA C . -6.95 1.64 15.18
H61 COA C . -4.57 0.55 14.11
H62 COA C . -5.98 -0.35 14.69
HN4 COA C . -4.52 1.21 11.87
H31 COA C . -5.42 1.24 9.67
H32 COA C . -6.59 0.01 10.14
H21 COA C . -3.93 -0.30 8.95
H22 COA C . -4.16 -1.32 10.37
HS1 COA C . -4.72 -2.66 8.21
#